data_2RA8
#
_entry.id   2RA8
#
_cell.length_a   108.261
_cell.length_b   65.237
_cell.length_c   60.008
_cell.angle_alpha   90.00
_cell.angle_beta   111.13
_cell.angle_gamma   90.00
#
_symmetry.space_group_name_H-M   'C 1 2 1'
#
loop_
_entity.id
_entity.type
_entity.pdbx_description
1 polymer 'Uncharacterized protein Q64V53_BACFR'
2 water water
#
_entity_poly.entity_id   1
_entity_poly.type   'polypeptide(L)'
_entity_poly.pdbx_seq_one_letter_code
;(MSE)KRVFVFQDFKSQKFWSIDVRGTDVIVNYGKLGTDGQTQVKNFSSAGEAEKAAGKLIAEKTKKGYVETLEEVAKE
(MSE)KVEAKKYALSYDEAEEGVNL(MSE)DKILKDKKLPSLKQITIG(CAS)WGYEGEDCSDIADGIVENKEKFAHFEG
LFWGDIDFEEQEISWIEQVDLSPVLDA(MSE)PLLNNLKIKGTNNLSIGKKPRPNLKSLEIISGGLPDSVVEDILGSDLP
NLEKLVLYVGVEDYGFDGD(MSE)NVFRPLFSKDRFPNLKWLGIVDAEEQNVVVE(MSE)FLESDILPQLET(MSE)DIS
AGVLTDEGARLLLDHVDKIKHLKFIN(MSE)KYNYLSDE(MSE)KKELQKSLP(MSE)KIDVSDSQEYDDDYSYP(MSE)
ITELEHHHHHH
;
_entity_poly.pdbx_strand_id   A
#
# COMPACT_ATOMS: atom_id res chain seq x y z
N LYS A 2 16.55 -16.85 22.17
CA LYS A 2 15.58 -16.68 21.11
C LYS A 2 15.15 -15.26 20.92
N ARG A 3 15.15 -14.83 19.68
CA ARG A 3 14.71 -13.48 19.35
C ARG A 3 13.50 -13.64 18.49
N VAL A 4 12.40 -13.02 18.92
CA VAL A 4 11.13 -13.09 18.22
C VAL A 4 10.78 -11.84 17.45
N PHE A 5 10.29 -12.02 16.23
CA PHE A 5 9.93 -10.90 15.37
C PHE A 5 8.52 -11.07 14.83
N VAL A 6 7.86 -9.95 14.55
CA VAL A 6 6.49 -9.95 14.05
C VAL A 6 6.25 -9.02 12.87
N PHE A 7 5.47 -9.49 11.90
CA PHE A 7 5.13 -8.69 10.72
C PHE A 7 3.63 -8.65 10.56
N GLN A 8 3.07 -7.45 10.47
CA GLN A 8 1.62 -7.27 10.32
C GLN A 8 1.17 -6.20 9.35
N ASP A 9 0.37 -6.58 8.37
CA ASP A 9 -0.22 -5.62 7.43
C ASP A 9 -1.57 -6.16 7.03
N PHE A 10 -2.20 -5.60 6.01
CA PHE A 10 -3.52 -6.08 5.59
C PHE A 10 -3.55 -7.58 5.28
N LYS A 11 -2.45 -8.12 4.77
CA LYS A 11 -2.41 -9.53 4.38
C LYS A 11 -1.65 -10.48 5.28
N SER A 12 -0.57 -10.03 5.90
CA SER A 12 0.24 -10.88 6.78
C SER A 12 0.11 -10.57 8.24
N GLN A 13 -0.05 -11.62 9.02
CA GLN A 13 -0.17 -11.52 10.47
C GLN A 13 0.67 -12.69 10.94
N LYS A 14 1.99 -12.50 10.97
CA LYS A 14 2.87 -13.58 11.36
C LYS A 14 4.06 -13.24 12.21
N PHE A 15 4.70 -14.29 12.71
CA PHE A 15 5.90 -14.18 13.55
C PHE A 15 7.00 -15.03 12.99
N TRP A 16 8.22 -14.69 13.38
CA TRP A 16 9.42 -15.39 12.94
C TRP A 16 10.38 -15.27 14.11
N SER A 17 10.87 -16.40 14.60
CA SER A 17 11.81 -16.37 15.71
C SER A 17 13.05 -17.15 15.35
N ILE A 18 14.18 -16.73 15.92
CA ILE A 18 15.45 -17.39 15.65
C ILE A 18 16.24 -17.57 16.91
N ASP A 19 16.93 -18.71 16.99
CA ASP A 19 17.74 -19.03 18.15
C ASP A 19 18.92 -19.84 17.71
N VAL A 20 20.09 -19.55 18.27
CA VAL A 20 21.28 -20.31 17.92
C VAL A 20 21.72 -21.13 19.09
N ARG A 21 21.78 -22.45 18.90
CA ARG A 21 22.22 -23.34 19.96
C ARG A 21 23.32 -24.21 19.41
N GLY A 22 24.55 -23.91 19.82
CA GLY A 22 25.69 -24.67 19.35
C GLY A 22 25.98 -24.28 17.93
N THR A 23 25.92 -25.26 17.03
CA THR A 23 26.18 -25.03 15.61
C THR A 23 24.86 -25.03 14.85
N ASP A 24 23.76 -25.16 15.57
CA ASP A 24 22.44 -25.18 14.96
C ASP A 24 21.70 -23.86 15.07
N VAL A 25 21.08 -23.45 13.97
CA VAL A 25 20.27 -22.24 13.94
C VAL A 25 18.85 -22.76 13.87
N ILE A 26 18.04 -22.36 14.84
CA ILE A 26 16.65 -22.81 14.92
C ILE A 26 15.65 -21.70 14.64
N VAL A 27 14.90 -21.88 13.56
CA VAL A 27 13.89 -20.91 13.14
C VAL A 27 12.50 -21.48 13.36
N ASN A 28 11.61 -20.62 13.83
CA ASN A 28 10.22 -20.99 14.09
C ASN A 28 9.38 -19.89 13.47
N TYR A 29 8.49 -20.26 12.56
CA TYR A 29 7.64 -19.27 11.88
C TYR A 29 6.25 -19.72 11.62
N GLY A 30 5.31 -18.77 11.60
CA GLY A 30 3.93 -19.11 11.34
C GLY A 30 2.99 -17.93 11.57
N LYS A 31 1.69 -18.20 11.47
CA LYS A 31 0.67 -17.18 11.67
C LYS A 31 0.59 -16.88 13.14
N LEU A 32 0.37 -15.62 13.49
CA LEU A 32 0.25 -15.24 14.89
C LEU A 32 -0.80 -16.10 15.55
N GLY A 33 -0.53 -16.56 16.76
CA GLY A 33 -1.48 -17.38 17.48
C GLY A 33 -1.35 -18.87 17.25
N THR A 34 -0.37 -19.28 16.46
CA THR A 34 -0.16 -20.70 16.18
C THR A 34 1.26 -21.11 16.52
N ASP A 35 1.50 -22.41 16.65
CA ASP A 35 2.84 -22.89 16.95
C ASP A 35 3.73 -22.69 15.75
N GLY A 36 3.15 -22.68 14.57
CA GLY A 36 3.93 -22.51 13.36
C GLY A 36 4.81 -23.71 13.05
N GLN A 37 5.80 -23.50 12.19
CA GLN A 37 6.71 -24.56 11.77
C GLN A 37 8.10 -24.30 12.30
N THR A 38 8.96 -25.31 12.22
CA THR A 38 10.32 -25.19 12.69
C THR A 38 11.32 -25.73 11.71
N GLN A 39 12.38 -24.96 11.51
CA GLN A 39 13.45 -25.34 10.60
C GLN A 39 14.74 -25.27 11.36
N VAL A 40 15.55 -26.32 11.24
CA VAL A 40 16.83 -26.38 11.90
C VAL A 40 17.91 -26.54 10.88
N LYS A 41 18.98 -25.76 11.02
CA LYS A 41 20.07 -25.81 10.05
C LYS A 41 21.38 -25.88 10.78
N ASN A 42 22.14 -26.94 10.51
CA ASN A 42 23.43 -27.14 11.16
C ASN A 42 24.54 -26.49 10.39
N PHE A 43 25.52 -25.98 11.14
CA PHE A 43 26.67 -25.30 10.56
C PHE A 43 27.96 -25.91 11.04
N SER A 44 29.02 -25.65 10.27
CA SER A 44 30.35 -26.17 10.56
C SER A 44 30.91 -25.72 11.88
N SER A 45 30.43 -24.61 12.41
CA SER A 45 30.92 -24.10 13.69
C SER A 45 29.98 -23.09 14.29
N ALA A 46 30.19 -22.75 15.55
CA ALA A 46 29.33 -21.78 16.23
C ALA A 46 29.46 -20.43 15.55
N GLY A 47 30.63 -20.16 15.01
CA GLY A 47 30.89 -18.90 14.33
C GLY A 47 30.07 -18.73 13.09
N GLU A 48 30.04 -19.79 12.27
CA GLU A 48 29.26 -19.76 11.05
C GLU A 48 27.79 -19.69 11.34
N ALA A 49 27.37 -20.35 12.42
CA ALA A 49 25.96 -20.36 12.80
C ALA A 49 25.52 -18.95 13.17
N GLU A 50 26.31 -18.29 14.01
CA GLU A 50 25.98 -16.92 14.44
C GLU A 50 25.99 -15.97 13.27
N LYS A 51 26.93 -16.16 12.35
CA LYS A 51 27.04 -15.30 11.18
C LYS A 51 25.83 -15.49 10.30
N ALA A 52 25.37 -16.73 10.21
CA ALA A 52 24.20 -17.04 9.40
C ALA A 52 22.97 -16.43 10.01
N ALA A 53 22.85 -16.54 11.33
CA ALA A 53 21.70 -16.01 12.06
C ALA A 53 21.63 -14.51 11.91
N GLY A 54 22.79 -13.87 11.91
CA GLY A 54 22.84 -12.43 11.76
C GLY A 54 22.25 -11.99 10.44
N LYS A 55 22.59 -12.69 9.37
CA LYS A 55 22.08 -12.33 8.05
C LYS A 55 20.59 -12.53 7.93
N LEU A 56 20.06 -13.57 8.57
CA LEU A 56 18.62 -13.85 8.51
C LEU A 56 17.88 -12.73 9.23
N ILE A 57 18.37 -12.36 10.41
CA ILE A 57 17.76 -11.30 11.20
C ILE A 57 17.75 -10.00 10.41
N ALA A 58 18.92 -9.58 9.93
CA ALA A 58 19.02 -8.34 9.16
C ALA A 58 18.03 -8.32 8.04
N GLU A 59 17.89 -9.47 7.37
CA GLU A 59 16.97 -9.61 6.25
C GLU A 59 15.53 -9.43 6.67
N LYS A 60 15.16 -10.01 7.81
CA LYS A 60 13.79 -9.92 8.31
C LYS A 60 13.43 -8.50 8.70
N THR A 61 14.32 -7.82 9.41
CA THR A 61 14.04 -6.45 9.82
C THR A 61 13.96 -5.54 8.62
N LYS A 62 14.75 -5.85 7.59
CA LYS A 62 14.73 -5.03 6.39
C LYS A 62 13.40 -5.19 5.71
N LYS A 63 12.78 -6.34 5.91
CA LYS A 63 11.48 -6.61 5.30
C LYS A 63 10.33 -6.08 6.10
N GLY A 64 10.62 -5.46 7.24
CA GLY A 64 9.55 -4.90 8.06
C GLY A 64 9.22 -5.64 9.34
N TYR A 65 9.88 -6.76 9.59
CA TYR A 65 9.65 -7.52 10.82
C TYR A 65 10.13 -6.69 11.98
N VAL A 66 9.32 -6.62 13.05
CA VAL A 66 9.68 -5.85 14.23
C VAL A 66 9.95 -6.75 15.40
N GLU A 67 11.13 -6.61 16.00
CA GLU A 67 11.47 -7.45 17.15
C GLU A 67 10.49 -7.19 18.26
N THR A 68 9.96 -8.29 18.81
CA THR A 68 8.93 -8.25 19.85
C THR A 68 9.21 -9.25 20.97
N LEU A 69 8.93 -8.85 22.21
CA LEU A 69 9.12 -9.74 23.34
C LEU A 69 8.35 -11.01 23.10
N GLU A 70 8.97 -12.14 23.39
CA GLU A 70 8.31 -13.43 23.18
C GLU A 70 6.96 -13.57 23.86
N GLU A 71 6.86 -13.15 25.12
CA GLU A 71 5.60 -13.26 25.83
C GLU A 71 4.51 -12.46 25.18
N VAL A 72 4.88 -11.35 24.56
CA VAL A 72 3.90 -10.52 23.87
C VAL A 72 3.45 -11.18 22.58
N ALA A 73 4.42 -11.52 21.73
CA ALA A 73 4.11 -12.16 20.45
C ALA A 73 3.29 -13.42 20.63
N LYS A 74 3.62 -14.19 21.66
CA LYS A 74 2.90 -15.43 21.95
C LYS A 74 1.43 -15.21 22.15
N GLU A 75 1.08 -14.08 22.76
CA GLU A 75 -0.33 -13.81 23.01
C GLU A 75 -1.02 -12.99 21.92
N LYS A 77 -2.81 -11.97 18.44
CA LYS A 77 -3.74 -12.67 17.56
C LYS A 77 -3.83 -11.98 16.24
N VAL A 78 -4.33 -12.69 15.22
CA VAL A 78 -4.50 -12.13 13.89
C VAL A 78 -5.44 -10.94 14.03
N GLU A 79 -5.04 -9.78 13.52
CA GLU A 79 -5.92 -8.63 13.63
C GLU A 79 -6.25 -8.00 12.29
N ALA A 80 -6.08 -8.78 11.22
CA ALA A 80 -6.39 -8.33 9.88
C ALA A 80 -7.05 -9.47 9.16
N LYS A 81 -8.03 -9.16 8.33
CA LYS A 81 -8.69 -10.22 7.61
C LYS A 81 -9.30 -9.74 6.32
N LYS A 82 -9.43 -10.66 5.38
CA LYS A 82 -10.00 -10.37 4.08
C LYS A 82 -11.30 -11.14 3.93
N TYR A 83 -12.36 -10.44 3.53
CA TYR A 83 -13.65 -11.07 3.33
C TYR A 83 -13.96 -11.02 1.88
N ALA A 84 -14.17 -12.20 1.29
CA ALA A 84 -14.45 -12.30 -0.13
C ALA A 84 -15.42 -13.40 -0.43
N LEU A 85 -16.25 -13.18 -1.45
CA LEU A 85 -17.23 -14.18 -1.86
C LEU A 85 -16.68 -14.96 -3.02
N SER A 86 -16.73 -16.27 -2.93
CA SER A 86 -16.27 -17.11 -4.04
C SER A 86 -17.44 -17.27 -4.97
N TYR A 87 -17.19 -17.85 -6.14
CA TYR A 87 -18.25 -18.07 -7.11
C TYR A 87 -19.23 -19.07 -6.56
N ASP A 88 -18.70 -20.06 -5.84
CA ASP A 88 -19.52 -21.11 -5.25
C ASP A 88 -20.47 -20.56 -4.22
N GLU A 89 -19.97 -19.68 -3.36
CA GLU A 89 -20.81 -19.08 -2.33
C GLU A 89 -21.92 -18.27 -2.96
N ALA A 90 -21.62 -17.61 -4.07
CA ALA A 90 -22.63 -16.81 -4.77
C ALA A 90 -23.71 -17.72 -5.29
N GLU A 91 -23.31 -18.84 -5.90
CA GLU A 91 -24.27 -19.81 -6.41
C GLU A 91 -25.14 -20.34 -5.30
N GLU A 92 -24.54 -20.48 -4.12
CA GLU A 92 -25.25 -20.97 -2.95
C GLU A 92 -26.15 -19.89 -2.39
N GLY A 93 -26.06 -18.69 -2.96
CA GLY A 93 -26.88 -17.58 -2.50
C GLY A 93 -26.32 -16.84 -1.30
N VAL A 94 -25.02 -17.03 -1.04
CA VAL A 94 -24.36 -16.37 0.08
C VAL A 94 -24.16 -14.90 -0.17
N ASN A 95 -24.45 -14.10 0.86
CA ASN A 95 -24.31 -12.65 0.80
C ASN A 95 -23.06 -12.24 1.55
N LEU A 96 -22.12 -11.59 0.87
CA LEU A 96 -20.85 -11.18 1.49
C LEU A 96 -21.02 -10.41 2.76
N ASP A 98 -23.23 -10.63 4.85
CA ASP A 98 -23.64 -11.53 5.93
C ASP A 98 -22.46 -12.29 6.46
N LYS A 99 -21.49 -12.58 5.59
CA LYS A 99 -20.27 -13.29 6.02
C LYS A 99 -19.50 -12.41 6.97
N ILE A 100 -19.45 -11.12 6.67
CA ILE A 100 -18.73 -10.17 7.50
C ILE A 100 -19.47 -9.92 8.80
N LEU A 101 -20.73 -9.50 8.70
CA LEU A 101 -21.56 -9.24 9.88
C LEU A 101 -21.68 -10.43 10.81
N LYS A 102 -21.46 -11.63 10.27
CA LYS A 102 -21.55 -12.86 11.06
C LYS A 102 -20.30 -13.20 11.86
N ASP A 103 -19.13 -13.04 11.25
CA ASP A 103 -17.87 -13.36 11.89
C ASP A 103 -17.73 -12.86 13.31
N LYS A 104 -17.49 -13.79 14.23
CA LYS A 104 -17.33 -13.48 15.65
C LYS A 104 -15.98 -12.91 16.01
N LYS A 105 -15.04 -12.89 15.06
CA LYS A 105 -13.73 -12.32 15.35
C LYS A 105 -13.69 -10.91 14.84
N LEU A 106 -14.79 -10.49 14.21
CA LEU A 106 -14.90 -9.13 13.67
C LEU A 106 -14.53 -8.06 14.67
N PRO A 107 -14.98 -8.18 15.93
CA PRO A 107 -14.64 -7.14 16.91
C PRO A 107 -13.18 -7.06 17.23
N SER A 108 -12.46 -8.16 17.06
CA SER A 108 -11.04 -8.19 17.38
C SER A 108 -10.13 -7.74 16.27
N LEU A 109 -10.66 -7.60 15.06
CA LEU A 109 -9.82 -7.17 13.94
C LEU A 109 -9.60 -5.68 13.92
N LYS A 110 -8.40 -5.28 13.53
CA LYS A 110 -8.06 -3.87 13.47
C LYS A 110 -8.08 -3.43 12.02
N GLN A 111 -7.85 -4.38 11.11
CA GLN A 111 -7.85 -4.08 9.68
C GLN A 111 -8.74 -5.01 8.93
N ILE A 112 -9.42 -4.49 7.92
CA ILE A 112 -10.31 -5.29 7.11
C ILE A 112 -10.12 -5.01 5.64
N THR A 113 -10.17 -6.08 4.84
CA THR A 113 -10.02 -6.01 3.40
C THR A 113 -11.31 -6.54 2.78
N ILE A 114 -11.98 -5.76 1.95
CA ILE A 114 -13.18 -6.10 1.16
C ILE A 114 -12.79 -6.55 -0.25
N GLY A 115 -13.02 -7.83 -0.55
CA GLY A 115 -12.62 -8.39 -1.82
C GLY A 115 -13.85 -8.60 -2.68
N TRP A 117 -17.31 -8.95 -4.39
CA TRP A 117 -18.63 -8.86 -3.71
C TRP A 117 -19.75 -9.55 -4.52
N GLY A 118 -19.53 -9.85 -5.76
CA GLY A 118 -20.51 -10.54 -6.57
C GLY A 118 -20.01 -10.92 -7.96
N TYR A 119 -20.85 -11.61 -8.72
CA TYR A 119 -20.47 -12.03 -10.05
C TYR A 119 -21.53 -11.71 -11.07
N GLU A 120 -22.41 -10.76 -10.73
CA GLU A 120 -23.49 -10.38 -11.64
C GLU A 120 -23.29 -8.98 -12.12
N GLY A 121 -22.07 -8.48 -11.97
CA GLY A 121 -21.75 -7.13 -12.40
C GLY A 121 -22.28 -6.05 -11.49
N GLU A 122 -22.68 -6.44 -10.28
CA GLU A 122 -23.22 -5.47 -9.31
C GLU A 122 -22.13 -4.56 -8.78
N ASP A 123 -22.49 -3.37 -8.33
CA ASP A 123 -21.48 -2.48 -7.75
C ASP A 123 -21.38 -2.94 -6.32
N CYS A 124 -20.65 -2.21 -5.47
CA CYS A 124 -20.52 -2.67 -4.09
C CYS A 124 -21.47 -1.97 -3.14
N SER A 125 -22.65 -1.60 -3.66
CA SER A 125 -23.66 -0.90 -2.86
C SER A 125 -24.12 -1.62 -1.61
N ASP A 126 -24.28 -2.94 -1.69
CA ASP A 126 -24.71 -3.73 -0.54
C ASP A 126 -23.72 -3.63 0.58
N ILE A 127 -22.44 -3.65 0.21
CA ILE A 127 -21.36 -3.58 1.18
C ILE A 127 -21.32 -2.20 1.81
N ALA A 128 -21.35 -1.16 0.98
CA ALA A 128 -21.33 0.20 1.52
C ALA A 128 -22.54 0.43 2.42
N ASP A 129 -23.72 0.04 1.94
CA ASP A 129 -24.96 0.21 2.68
C ASP A 129 -24.95 -0.61 3.94
N GLY A 130 -24.51 -1.87 3.81
CA GLY A 130 -24.45 -2.75 4.98
C GLY A 130 -23.59 -2.15 6.08
N ILE A 131 -22.43 -1.61 5.72
CA ILE A 131 -21.54 -1.03 6.72
C ILE A 131 -22.18 0.20 7.35
N VAL A 132 -22.71 1.09 6.52
CA VAL A 132 -23.35 2.31 7.00
C VAL A 132 -24.47 2.01 7.96
N GLU A 133 -25.19 0.91 7.72
CA GLU A 133 -26.32 0.53 8.56
C GLU A 133 -25.89 -0.21 9.81
N ASN A 134 -24.61 -0.50 9.91
CA ASN A 134 -24.07 -1.20 11.08
C ASN A 134 -22.78 -0.54 11.53
N LYS A 135 -22.79 0.78 11.58
CA LYS A 135 -21.63 1.54 12.00
C LYS A 135 -21.00 1.05 13.29
N GLU A 136 -21.83 0.65 14.26
CA GLU A 136 -21.31 0.19 15.54
C GLU A 136 -20.35 -0.99 15.43
N LYS A 137 -20.57 -1.88 14.48
CA LYS A 137 -19.70 -3.04 14.31
C LYS A 137 -18.40 -2.74 13.58
N PHE A 138 -18.33 -1.61 12.90
CA PHE A 138 -17.13 -1.27 12.13
C PHE A 138 -16.49 0.00 12.64
N ALA A 139 -17.08 0.60 13.66
CA ALA A 139 -16.56 1.84 14.21
C ALA A 139 -15.16 1.70 14.75
N HIS A 140 -14.74 0.47 15.04
CA HIS A 140 -13.41 0.23 15.61
C HIS A 140 -12.23 0.08 14.64
N PHE A 141 -12.51 -0.21 13.38
CA PHE A 141 -11.43 -0.42 12.41
C PHE A 141 -10.46 0.74 12.20
N GLU A 142 -9.19 0.39 12.06
CA GLU A 142 -8.13 1.37 11.86
C GLU A 142 -7.57 1.29 10.47
N GLY A 143 -7.88 0.22 9.76
CA GLY A 143 -7.39 0.08 8.41
C GLY A 143 -8.44 -0.54 7.51
N LEU A 144 -8.55 -0.02 6.29
CA LEU A 144 -9.52 -0.52 5.32
C LEU A 144 -8.91 -0.62 3.93
N PHE A 145 -8.97 -1.80 3.35
CA PHE A 145 -8.46 -2.03 1.99
C PHE A 145 -9.70 -2.43 1.25
N TRP A 146 -10.26 -1.47 0.52
CA TRP A 146 -11.49 -1.65 -0.23
C TRP A 146 -11.27 -1.97 -1.70
N GLY A 147 -11.69 -3.16 -2.14
CA GLY A 147 -11.53 -3.53 -3.54
C GLY A 147 -10.35 -4.41 -3.88
N ASP A 148 -9.97 -5.31 -2.98
CA ASP A 148 -8.83 -6.19 -3.24
C ASP A 148 -9.27 -7.27 -4.19
N ILE A 149 -9.44 -6.87 -5.44
CA ILE A 149 -9.87 -7.72 -6.56
C ILE A 149 -8.72 -7.94 -7.51
N ASP A 150 -8.30 -9.19 -7.65
CA ASP A 150 -7.18 -9.52 -8.54
C ASP A 150 -7.54 -9.55 -10.01
N PHE A 151 -6.52 -9.44 -10.85
CA PHE A 151 -6.66 -9.44 -12.30
C PHE A 151 -7.53 -10.56 -12.81
N GLU A 152 -7.28 -11.78 -12.32
CA GLU A 152 -8.03 -12.97 -12.73
C GLU A 152 -9.49 -12.92 -12.44
N GLU A 153 -9.85 -12.28 -11.33
CA GLU A 153 -11.24 -12.16 -10.93
C GLU A 153 -11.94 -11.20 -11.88
N GLN A 154 -11.30 -10.06 -12.11
CA GLN A 154 -11.80 -9.04 -13.02
C GLN A 154 -10.79 -7.90 -13.05
N GLU A 155 -10.50 -7.40 -14.25
CA GLU A 155 -9.54 -6.31 -14.40
C GLU A 155 -9.93 -5.09 -13.64
N ILE A 156 -8.92 -4.35 -13.20
CA ILE A 156 -9.14 -3.15 -12.40
C ILE A 156 -10.13 -2.18 -13.02
N SER A 157 -10.14 -2.09 -14.35
CA SER A 157 -11.06 -1.16 -15.02
C SER A 157 -12.51 -1.60 -14.98
N TRP A 158 -12.76 -2.79 -14.43
CA TRP A 158 -14.12 -3.31 -14.34
C TRP A 158 -14.67 -3.29 -12.93
N ILE A 159 -13.87 -2.81 -11.99
CA ILE A 159 -14.32 -2.75 -10.61
C ILE A 159 -15.33 -1.64 -10.49
N GLU A 160 -16.53 -1.97 -10.02
CA GLU A 160 -17.60 -0.99 -9.87
C GLU A 160 -17.74 -0.49 -8.45
N GLN A 161 -17.25 0.72 -8.20
CA GLN A 161 -17.32 1.31 -6.87
C GLN A 161 -18.59 2.13 -6.69
N VAL A 162 -18.70 2.78 -5.53
CA VAL A 162 -19.85 3.62 -5.21
C VAL A 162 -19.32 4.75 -4.39
N ASP A 163 -20.19 5.62 -3.92
CA ASP A 163 -19.74 6.72 -3.07
C ASP A 163 -19.37 6.09 -1.75
N LEU A 164 -18.09 6.13 -1.38
CA LEU A 164 -17.68 5.54 -0.11
C LEU A 164 -17.60 6.52 1.02
N SER A 165 -18.00 7.77 0.80
CA SER A 165 -17.95 8.75 1.88
C SER A 165 -18.74 8.30 3.10
N PRO A 166 -19.89 7.64 2.89
CA PRO A 166 -20.66 7.21 4.06
C PRO A 166 -19.97 6.10 4.83
N VAL A 167 -19.21 5.28 4.12
CA VAL A 167 -18.48 4.18 4.74
C VAL A 167 -17.35 4.73 5.56
N LEU A 168 -16.64 5.72 5.01
CA LEU A 168 -15.55 6.32 5.73
C LEU A 168 -16.09 7.07 6.96
N ASP A 169 -17.31 7.60 6.85
CA ASP A 169 -17.91 8.31 7.98
C ASP A 169 -18.26 7.36 9.11
N ALA A 170 -18.56 6.12 8.77
CA ALA A 170 -18.90 5.08 9.76
C ALA A 170 -17.65 4.47 10.43
N PRO A 172 -14.72 6.20 11.98
CA PRO A 172 -13.95 7.37 12.42
C PRO A 172 -12.55 7.11 12.94
N LEU A 173 -12.24 5.84 13.23
CA LEU A 173 -10.91 5.48 13.74
C LEU A 173 -9.94 5.04 12.67
N LEU A 174 -10.38 5.00 11.42
CA LEU A 174 -9.52 4.61 10.31
C LEU A 174 -8.34 5.55 10.13
N ASN A 175 -7.15 4.99 9.96
CA ASN A 175 -5.97 5.81 9.74
C ASN A 175 -5.23 5.37 8.50
N ASN A 176 -5.59 4.21 7.96
CA ASN A 176 -4.95 3.66 6.76
C ASN A 176 -6.03 3.25 5.77
N LEU A 177 -6.12 3.97 4.65
CA LEU A 177 -7.13 3.71 3.63
C LEU A 177 -6.50 3.37 2.31
N LYS A 178 -6.92 2.24 1.76
CA LYS A 178 -6.41 1.77 0.49
C LYS A 178 -7.61 1.32 -0.31
N ILE A 179 -7.71 1.83 -1.53
CA ILE A 179 -8.82 1.53 -2.43
C ILE A 179 -8.29 1.15 -3.80
N LYS A 180 -8.84 0.08 -4.37
CA LYS A 180 -8.43 -0.39 -5.70
C LYS A 180 -9.66 -0.42 -6.56
N GLY A 181 -9.60 0.25 -7.72
CA GLY A 181 -10.75 0.30 -8.62
C GLY A 181 -11.34 1.69 -8.44
N THR A 182 -11.62 2.41 -9.52
CA THR A 182 -12.14 3.77 -9.38
C THR A 182 -13.39 4.14 -10.14
N ASN A 183 -13.97 3.19 -10.88
CA ASN A 183 -15.20 3.48 -11.63
C ASN A 183 -16.31 3.91 -10.68
N ASN A 184 -16.81 5.14 -10.88
CA ASN A 184 -17.89 5.68 -10.05
C ASN A 184 -17.52 5.77 -8.59
N LEU A 185 -16.25 5.97 -8.30
CA LEU A 185 -15.79 6.07 -6.92
C LEU A 185 -15.82 7.48 -6.41
N SER A 186 -16.09 7.63 -5.12
CA SER A 186 -16.07 8.95 -4.49
C SER A 186 -15.78 8.73 -3.03
N ILE A 187 -15.18 9.72 -2.38
CA ILE A 187 -14.86 9.62 -0.96
C ILE A 187 -15.31 10.87 -0.25
N GLY A 188 -15.99 11.73 -1.00
CA GLY A 188 -16.52 12.95 -0.44
C GLY A 188 -15.53 14.08 -0.28
N LYS A 189 -16.03 15.20 0.25
CA LYS A 189 -15.23 16.38 0.50
C LYS A 189 -15.54 16.78 1.93
N LYS A 190 -14.85 16.13 2.87
CA LYS A 190 -15.07 16.39 4.28
C LYS A 190 -13.77 16.41 5.01
N PRO A 191 -13.76 16.98 6.21
CA PRO A 191 -12.48 16.97 6.91
C PRO A 191 -12.30 15.58 7.48
N ARG A 192 -11.12 15.01 7.29
CA ARG A 192 -10.83 13.68 7.80
C ARG A 192 -9.48 13.65 8.44
N PRO A 193 -9.37 14.29 9.61
CA PRO A 193 -8.10 14.32 10.32
C PRO A 193 -7.66 12.97 10.82
N ASN A 194 -8.55 11.98 10.74
CA ASN A 194 -8.21 10.64 11.20
C ASN A 194 -7.28 9.91 10.26
N LEU A 195 -7.38 10.19 8.96
CA LEU A 195 -6.54 9.51 7.95
C LEU A 195 -5.06 9.86 7.95
N LYS A 196 -4.21 8.84 8.04
CA LYS A 196 -2.77 9.03 8.01
C LYS A 196 -2.20 8.56 6.69
N SER A 197 -2.88 7.57 6.09
CA SER A 197 -2.43 7.02 4.82
C SER A 197 -3.58 6.82 3.87
N LEU A 198 -3.37 7.27 2.63
CA LEU A 198 -4.36 7.17 1.58
C LEU A 198 -3.72 6.76 0.29
N GLU A 199 -4.09 5.58 -0.21
CA GLU A 199 -3.54 5.09 -1.46
C GLU A 199 -4.66 4.62 -2.33
N ILE A 200 -4.71 5.10 -3.57
CA ILE A 200 -5.75 4.69 -4.49
C ILE A 200 -5.11 4.09 -5.72
N ILE A 201 -5.47 2.85 -5.99
CA ILE A 201 -4.95 2.10 -7.15
C ILE A 201 -6.01 2.18 -8.21
N SER A 202 -5.65 2.56 -9.40
CA SER A 202 -6.62 2.86 -10.45
C SER A 202 -6.02 2.51 -11.78
N GLY A 203 -6.89 2.13 -12.73
CA GLY A 203 -6.45 2.00 -14.17
C GLY A 203 -6.68 3.30 -14.95
N GLY A 204 -7.31 4.28 -14.33
CA GLY A 204 -7.35 5.57 -14.90
C GLY A 204 -8.06 6.45 -13.88
N LEU A 205 -7.35 7.38 -13.32
CA LEU A 205 -7.92 8.03 -12.12
C LEU A 205 -8.77 9.24 -12.56
N PRO A 206 -10.13 9.19 -12.23
CA PRO A 206 -11.01 10.28 -12.63
C PRO A 206 -10.71 11.57 -11.88
N ASP A 207 -11.04 12.71 -12.50
CA ASP A 207 -10.81 14.00 -11.86
C ASP A 207 -11.69 14.13 -10.63
N SER A 208 -12.81 13.42 -10.62
CA SER A 208 -13.72 13.48 -9.47
C SER A 208 -13.04 13.01 -8.21
N VAL A 209 -12.20 12.00 -8.33
CA VAL A 209 -11.48 11.47 -7.17
C VAL A 209 -10.50 12.50 -6.65
N VAL A 210 -9.73 13.11 -7.55
CA VAL A 210 -8.76 14.12 -7.14
C VAL A 210 -9.47 15.29 -6.47
N GLU A 211 -10.63 15.66 -7.01
CA GLU A 211 -11.39 16.78 -6.45
C GLU A 211 -11.90 16.47 -5.06
N ASP A 212 -12.22 15.20 -4.80
CA ASP A 212 -12.66 14.81 -3.48
C ASP A 212 -11.52 15.03 -2.52
N ILE A 213 -10.32 14.65 -2.93
CA ILE A 213 -9.15 14.83 -2.08
C ILE A 213 -8.89 16.31 -1.84
N LEU A 214 -8.87 17.10 -2.90
CA LEU A 214 -8.63 18.53 -2.80
C LEU A 214 -9.69 19.19 -1.94
N GLY A 215 -10.90 18.65 -2.01
CA GLY A 215 -12.00 19.21 -1.24
C GLY A 215 -12.04 18.72 0.21
N SER A 216 -11.18 17.77 0.55
CA SER A 216 -11.14 17.23 1.89
C SER A 216 -10.00 17.81 2.67
N ASP A 217 -10.11 17.76 3.98
CA ASP A 217 -9.05 18.26 4.84
C ASP A 217 -8.37 17.06 5.43
N LEU A 218 -7.09 16.89 5.12
CA LEU A 218 -6.31 15.77 5.61
C LEU A 218 -5.06 16.29 6.26
N PRO A 219 -5.21 17.11 7.32
CA PRO A 219 -4.03 17.66 8.01
C PRO A 219 -3.04 16.69 8.57
N ASN A 220 -3.51 15.53 9.00
CA ASN A 220 -2.60 14.53 9.58
C ASN A 220 -2.12 13.50 8.59
N LEU A 221 -2.47 13.65 7.32
CA LEU A 221 -2.04 12.67 6.31
C LEU A 221 -0.52 12.61 6.25
N GLU A 222 0.03 11.40 6.19
CA GLU A 222 1.48 11.22 6.12
C GLU A 222 1.91 10.56 4.83
N LYS A 223 0.99 9.84 4.20
CA LYS A 223 1.24 9.15 2.95
C LYS A 223 0.08 9.27 1.98
N LEU A 224 0.39 9.61 0.74
CA LEU A 224 -0.61 9.75 -0.32
C LEU A 224 -0.03 9.18 -1.57
N VAL A 225 -0.66 8.13 -2.07
CA VAL A 225 -0.23 7.48 -3.28
C VAL A 225 -1.42 7.35 -4.19
N LEU A 226 -1.30 7.90 -5.39
CA LEU A 226 -2.37 7.85 -6.37
C LEU A 226 -1.89 7.31 -7.69
N TYR A 227 -2.58 6.29 -8.18
CA TYR A 227 -2.23 5.71 -9.49
C TYR A 227 -2.98 6.53 -10.54
N VAL A 228 -2.24 7.08 -11.51
CA VAL A 228 -2.84 7.89 -12.56
C VAL A 228 -3.59 7.07 -13.57
N GLY A 229 -2.95 6.01 -14.06
CA GLY A 229 -3.59 5.17 -15.05
C GLY A 229 -3.68 5.88 -16.39
N VAL A 230 -4.45 5.33 -17.33
CA VAL A 230 -4.55 5.93 -18.65
C VAL A 230 -5.92 6.44 -19.04
N GLU A 231 -5.97 7.23 -20.11
CA GLU A 231 -7.21 7.80 -20.59
C GLU A 231 -8.24 6.78 -21.00
N ASP A 232 -7.80 5.66 -21.53
CA ASP A 232 -8.72 4.61 -21.95
C ASP A 232 -9.55 4.02 -20.84
N TYR A 233 -9.06 4.12 -19.61
CA TYR A 233 -9.77 3.53 -18.49
C TYR A 233 -10.14 4.45 -17.34
N GLY A 234 -10.29 5.74 -17.62
CA GLY A 234 -10.68 6.64 -16.56
C GLY A 234 -9.95 7.96 -16.43
N PHE A 235 -8.64 8.00 -16.72
CA PHE A 235 -7.91 9.25 -16.59
C PHE A 235 -8.38 10.21 -17.63
N ASP A 236 -8.54 11.47 -17.24
CA ASP A 236 -9.04 12.48 -18.17
C ASP A 236 -7.98 13.18 -18.99
N GLY A 237 -6.73 12.78 -18.84
CA GLY A 237 -5.65 13.37 -19.62
C GLY A 237 -4.96 14.63 -19.14
N ASP A 238 -5.55 15.35 -18.20
CA ASP A 238 -4.92 16.58 -17.71
C ASP A 238 -4.16 16.35 -16.43
N ASN A 240 -2.29 18.49 -14.84
CA ASN A 240 -2.20 19.66 -13.98
C ASN A 240 -3.11 19.58 -12.77
N VAL A 241 -4.02 18.61 -12.80
CA VAL A 241 -4.97 18.42 -11.72
C VAL A 241 -4.28 18.03 -10.43
N PHE A 242 -3.18 17.30 -10.55
CA PHE A 242 -2.43 16.83 -9.39
C PHE A 242 -1.58 17.91 -8.74
N ARG A 243 -1.19 18.91 -9.52
CA ARG A 243 -0.33 19.97 -9.01
C ARG A 243 -0.70 20.57 -7.67
N PRO A 244 -1.97 20.95 -7.47
CA PRO A 244 -2.32 21.55 -6.17
C PRO A 244 -2.06 20.66 -4.96
N LEU A 245 -1.90 19.35 -5.18
CA LEU A 245 -1.62 18.39 -4.11
C LEU A 245 -0.25 18.60 -3.52
N PHE A 246 0.66 19.13 -4.34
CA PHE A 246 2.03 19.37 -3.92
C PHE A 246 2.12 20.66 -3.12
N SER A 247 1.46 20.69 -1.97
CA SER A 247 1.45 21.89 -1.13
C SER A 247 1.63 21.59 0.33
N LYS A 248 2.64 22.18 0.95
CA LYS A 248 2.88 21.94 2.36
C LYS A 248 1.72 22.45 3.19
N ASP A 249 1.08 23.53 2.73
CA ASP A 249 -0.06 24.07 3.45
C ASP A 249 -1.20 23.07 3.46
N ARG A 250 -1.38 22.33 2.36
CA ARG A 250 -2.45 21.34 2.29
C ARG A 250 -2.18 20.12 3.13
N PHE A 251 -0.95 19.58 3.02
CA PHE A 251 -0.55 18.39 3.75
C PHE A 251 0.68 18.71 4.57
N PRO A 252 0.52 19.45 5.69
CA PRO A 252 1.67 19.81 6.51
C PRO A 252 2.43 18.68 7.17
N ASN A 253 1.85 17.48 7.19
CA ASN A 253 2.53 16.34 7.83
C ASN A 253 2.87 15.23 6.86
N LEU A 254 2.69 15.48 5.57
CA LEU A 254 2.98 14.46 4.56
C LEU A 254 4.47 14.10 4.52
N LYS A 255 4.76 12.80 4.42
CA LYS A 255 6.14 12.29 4.37
C LYS A 255 6.39 11.52 3.09
N TRP A 256 5.35 10.84 2.62
CA TRP A 256 5.43 10.05 1.39
C TRP A 256 4.39 10.54 0.43
N LEU A 257 4.83 10.99 -0.74
CA LEU A 257 3.92 11.45 -1.78
C LEU A 257 4.22 10.71 -3.05
N GLY A 258 3.17 10.22 -3.70
CA GLY A 258 3.34 9.51 -4.94
C GLY A 258 2.23 9.69 -5.97
N ILE A 259 2.63 10.06 -7.17
CA ILE A 259 1.72 10.21 -8.29
C ILE A 259 2.43 9.23 -9.20
N VAL A 260 1.84 8.05 -9.32
CA VAL A 260 2.46 6.96 -10.05
C VAL A 260 1.67 6.38 -11.17
N ASP A 261 2.28 5.42 -11.85
CA ASP A 261 1.62 4.71 -12.94
C ASP A 261 1.05 5.63 -14.01
N ALA A 262 1.82 6.66 -14.40
CA ALA A 262 1.38 7.61 -15.42
C ALA A 262 2.22 7.55 -16.66
N GLU A 263 1.62 7.85 -17.81
CA GLU A 263 2.33 7.87 -19.09
C GLU A 263 3.28 9.04 -19.10
N GLU A 264 2.86 10.13 -18.48
CA GLU A 264 3.69 11.33 -18.38
C GLU A 264 4.34 11.37 -17.02
N GLN A 265 5.10 10.31 -16.72
CA GLN A 265 5.76 10.22 -15.42
C GLN A 265 6.85 11.25 -15.22
N ASN A 266 7.50 11.67 -16.30
CA ASN A 266 8.57 12.66 -16.18
C ASN A 266 8.05 13.97 -15.66
N VAL A 267 6.81 14.30 -16.00
CA VAL A 267 6.21 15.56 -15.57
C VAL A 267 6.11 15.59 -14.06
N VAL A 268 5.79 14.44 -13.48
CA VAL A 268 5.65 14.32 -12.03
C VAL A 268 6.94 14.70 -11.34
N VAL A 269 8.06 14.39 -11.97
CA VAL A 269 9.35 14.74 -11.40
C VAL A 269 9.42 16.25 -11.29
N GLU A 270 8.95 16.94 -12.33
CA GLU A 270 8.98 18.40 -12.33
C GLU A 270 8.13 18.95 -11.20
N PHE A 272 7.42 17.64 -8.34
CA PHE A 272 8.13 17.49 -7.09
C PHE A 272 9.15 18.58 -6.92
N LEU A 273 10.04 18.70 -7.89
CA LEU A 273 11.13 19.68 -7.83
C LEU A 273 10.71 21.11 -7.64
N GLU A 274 9.58 21.50 -8.21
CA GLU A 274 9.10 22.88 -8.11
C GLU A 274 8.18 23.14 -6.95
N SER A 275 7.85 22.10 -6.19
CA SER A 275 6.92 22.23 -5.07
C SER A 275 7.52 22.65 -3.75
N ASP A 276 6.68 23.27 -2.91
CA ASP A 276 7.13 23.71 -1.61
C ASP A 276 6.98 22.59 -0.60
N ILE A 277 6.37 21.49 -1.03
CA ILE A 277 6.18 20.35 -0.13
C ILE A 277 7.42 19.48 -0.10
N LEU A 278 8.18 19.46 -1.18
CA LEU A 278 9.39 18.63 -1.28
C LEU A 278 10.34 18.68 -0.09
N PRO A 279 10.64 19.88 0.43
CA PRO A 279 11.56 19.95 1.57
C PRO A 279 11.22 19.09 2.78
N GLN A 280 9.93 18.86 3.02
CA GLN A 280 9.51 18.06 4.18
C GLN A 280 9.39 16.57 3.92
N LEU A 281 9.32 16.17 2.66
CA LEU A 281 9.17 14.77 2.30
C LEU A 281 10.33 13.88 2.61
N GLU A 282 10.04 12.61 2.87
CA GLU A 282 11.08 11.62 3.13
C GLU A 282 11.13 10.77 1.89
N THR A 283 9.98 10.55 1.27
CA THR A 283 9.89 9.69 0.09
C THR A 283 9.23 10.31 -1.11
N ASP A 285 7.81 9.26 -4.59
CA ASP A 285 7.34 8.06 -5.24
C ASP A 285 6.95 8.36 -6.67
N ILE A 286 7.75 7.89 -7.62
CA ILE A 286 7.49 8.11 -9.03
C ILE A 286 7.66 6.79 -9.73
N SER A 287 7.00 5.78 -9.21
CA SER A 287 7.06 4.43 -9.76
C SER A 287 5.95 4.08 -10.71
N ALA A 288 6.01 2.84 -11.20
CA ALA A 288 5.03 2.26 -12.09
C ALA A 288 4.69 2.97 -13.36
N GLY A 289 5.47 3.99 -13.74
CA GLY A 289 5.16 4.72 -14.96
C GLY A 289 6.24 4.73 -16.03
N VAL A 290 6.03 5.56 -17.06
CA VAL A 290 6.98 5.69 -18.15
C VAL A 290 7.99 6.77 -17.81
N LEU A 291 8.80 6.47 -16.79
CA LEU A 291 9.84 7.37 -16.32
C LEU A 291 11.05 7.07 -17.18
N THR A 292 11.48 8.06 -17.96
CA THR A 292 12.64 7.89 -18.84
C THR A 292 13.83 8.66 -18.35
N ASP A 293 14.95 8.51 -19.04
CA ASP A 293 16.19 9.19 -18.68
C ASP A 293 16.09 10.69 -18.57
N GLU A 294 15.20 11.29 -19.36
CA GLU A 294 15.05 12.73 -19.29
C GLU A 294 14.36 13.11 -18.01
N GLY A 295 13.67 12.14 -17.41
CA GLY A 295 13.01 12.39 -16.15
C GLY A 295 14.03 12.32 -15.03
N ALA A 296 14.83 11.26 -15.04
CA ALA A 296 15.88 11.07 -14.03
C ALA A 296 16.88 12.20 -14.11
N ARG A 297 17.10 12.67 -15.33
CA ARG A 297 18.03 13.76 -15.62
C ARG A 297 17.74 14.93 -14.71
N LEU A 298 16.46 15.29 -14.59
CA LEU A 298 16.06 16.41 -13.77
C LEU A 298 16.55 16.25 -12.35
N LEU A 299 16.43 15.03 -11.82
CA LEU A 299 16.86 14.76 -10.46
C LEU A 299 18.33 15.04 -10.31
N LEU A 300 19.12 14.51 -11.24
CA LEU A 300 20.56 14.70 -11.21
C LEU A 300 20.98 16.15 -11.37
N ASP A 301 20.18 16.94 -12.09
CA ASP A 301 20.47 18.36 -12.29
C ASP A 301 20.04 19.17 -11.09
N HIS A 302 19.43 18.51 -10.11
CA HIS A 302 18.94 19.19 -8.92
C HIS A 302 19.11 18.35 -7.68
N VAL A 303 20.29 17.79 -7.48
CA VAL A 303 20.56 16.97 -6.31
C VAL A 303 20.33 17.78 -5.05
N ASP A 304 20.59 19.08 -5.13
CA ASP A 304 20.42 19.98 -3.99
C ASP A 304 19.04 19.93 -3.38
N LYS A 305 18.01 19.85 -4.24
CA LYS A 305 16.64 19.81 -3.76
C LYS A 305 16.17 18.48 -3.22
N ILE A 306 16.85 17.41 -3.58
CA ILE A 306 16.42 16.08 -3.12
C ILE A 306 17.34 15.31 -2.20
N LYS A 307 18.56 15.80 -2.00
CA LYS A 307 19.53 15.10 -1.15
C LYS A 307 19.11 14.85 0.27
N HIS A 308 17.96 15.37 0.66
CA HIS A 308 17.45 15.19 2.01
C HIS A 308 16.48 14.03 2.09
N LEU A 309 15.99 13.59 0.93
CA LEU A 309 15.05 12.48 0.89
C LEU A 309 15.68 11.21 1.40
N LYS A 310 14.86 10.31 1.93
CA LYS A 310 15.36 9.04 2.43
C LYS A 310 15.17 7.95 1.42
N PHE A 311 14.27 8.18 0.46
CA PHE A 311 13.99 7.17 -0.55
C PHE A 311 13.29 7.73 -1.76
N ILE A 312 13.74 7.30 -2.93
CA ILE A 312 13.14 7.70 -4.18
C ILE A 312 12.78 6.42 -4.86
N ASN A 313 11.48 6.14 -4.93
CA ASN A 313 10.99 4.92 -5.55
C ASN A 313 10.74 5.08 -7.03
N LYS A 315 10.63 2.12 -8.95
CA LYS A 315 10.37 0.73 -9.29
C LYS A 315 9.44 0.69 -10.47
N TYR A 316 9.87 0.03 -11.54
CA TYR A 316 9.17 -0.07 -12.82
C TYR A 316 9.40 1.24 -13.51
N ASN A 317 10.30 1.21 -14.50
CA ASN A 317 10.66 2.42 -15.23
C ASN A 317 11.19 2.10 -16.60
N TYR A 318 11.68 3.12 -17.31
CA TYR A 318 12.23 2.95 -18.64
C TYR A 318 13.57 3.67 -18.70
N LEU A 319 14.36 3.52 -17.64
CA LEU A 319 15.68 4.14 -17.57
C LEU A 319 16.69 3.24 -18.28
N SER A 320 17.75 3.83 -18.79
CA SER A 320 18.80 3.06 -19.46
C SER A 320 19.75 2.60 -18.39
N ASP A 321 20.55 1.57 -18.66
CA ASP A 321 21.48 1.13 -17.64
C ASP A 321 22.49 2.19 -17.30
N GLU A 322 22.87 3.00 -18.28
CA GLU A 322 23.85 4.05 -18.04
C GLU A 322 23.30 5.08 -17.08
N LYS A 324 20.88 4.53 -14.86
CA LYS A 324 20.73 3.88 -13.57
C LYS A 324 22.06 3.86 -12.84
N LYS A 325 23.16 3.67 -13.57
CA LYS A 325 24.48 3.67 -12.95
C LYS A 325 24.75 5.05 -12.38
N GLU A 326 24.46 6.07 -13.19
CA GLU A 326 24.69 7.46 -12.79
C GLU A 326 23.87 7.79 -11.58
N LEU A 327 22.60 7.42 -11.61
CA LEU A 327 21.70 7.68 -10.48
C LEU A 327 22.21 6.99 -9.25
N GLN A 328 22.67 5.76 -9.42
CA GLN A 328 23.19 4.96 -8.31
C GLN A 328 24.35 5.66 -7.64
N LYS A 329 25.31 6.10 -8.44
CA LYS A 329 26.51 6.76 -7.92
C LYS A 329 26.36 8.21 -7.53
N SER A 330 25.48 8.95 -8.22
CA SER A 330 25.28 10.36 -7.93
C SER A 330 24.26 10.67 -6.83
N LEU A 331 23.37 9.74 -6.53
CA LEU A 331 22.37 9.99 -5.49
C LEU A 331 22.80 9.34 -4.19
N PRO A 332 22.83 10.12 -3.10
CA PRO A 332 23.24 9.61 -1.78
C PRO A 332 22.27 8.75 -1.00
N LYS A 334 18.80 5.98 -0.58
CA LYS A 334 18.28 4.73 -1.13
C LYS A 334 17.35 5.02 -2.28
N ILE A 335 17.48 4.24 -3.35
CA ILE A 335 16.60 4.40 -4.50
C ILE A 335 16.30 3.05 -5.06
N ASP A 336 15.14 2.91 -5.67
CA ASP A 336 14.76 1.64 -6.27
C ASP A 336 14.53 1.87 -7.74
N VAL A 337 15.47 1.41 -8.55
CA VAL A 337 15.35 1.59 -10.00
C VAL A 337 15.10 0.26 -10.66
N SER A 338 14.66 -0.72 -9.87
CA SER A 338 14.39 -2.07 -10.35
C SER A 338 13.25 -2.13 -11.33
N ASP A 339 13.09 -3.30 -11.94
CA ASP A 339 12.04 -3.55 -12.91
C ASP A 339 12.03 -2.64 -14.10
N SER A 340 13.22 -2.24 -14.55
CA SER A 340 13.33 -1.39 -15.72
C SER A 340 12.81 -2.16 -16.90
N GLN A 341 12.10 -1.48 -17.78
CA GLN A 341 11.55 -2.13 -18.96
C GLN A 341 12.46 -1.82 -20.12
N GLU A 342 12.19 -2.43 -21.28
CA GLU A 342 13.03 -2.20 -22.46
C GLU A 342 12.52 -1.03 -23.24
N TYR A 343 13.30 0.05 -23.26
CA TYR A 343 12.95 1.27 -23.97
C TYR A 343 13.13 1.12 -25.46
N PRO A 350 5.46 0.39 -27.97
CA PRO A 350 5.03 1.57 -27.20
C PRO A 350 5.26 1.37 -25.73
N ILE A 352 4.45 1.57 -21.97
CA ILE A 352 3.23 1.62 -21.19
C ILE A 352 3.46 1.64 -19.69
N THR A 353 2.41 1.98 -18.95
CA THR A 353 2.46 2.03 -17.50
C THR A 353 2.41 0.62 -16.93
N GLU A 354 2.78 0.47 -15.67
CA GLU A 354 2.80 -0.85 -15.04
C GLU A 354 1.46 -1.59 -15.06
N LEU A 355 0.38 -0.90 -14.69
CA LEU A 355 -0.94 -1.55 -14.67
C LEU A 355 -1.53 -1.73 -16.03
N GLU A 356 -0.80 -1.34 -17.07
CA GLU A 356 -1.29 -1.52 -18.44
C GLU A 356 -0.89 -2.86 -18.96
N HIS A 357 -0.11 -3.59 -18.16
CA HIS A 357 0.34 -4.93 -18.54
C HIS A 357 -0.65 -5.95 -18.04
#